data_3OY6
#
_entry.id   3OY6
#
_cell.length_a   121.091
_cell.length_b   121.091
_cell.length_c   43.332
_cell.angle_alpha   90.00
_cell.angle_beta   90.00
_cell.angle_gamma   120.00
#
_symmetry.space_group_name_H-M   'H 3'
#
loop_
_entity.id
_entity.type
_entity.pdbx_description
1 polymer 'Urokinase-type plasminogen activator'
2 polymer MH036
3 water water
#
loop_
_entity_poly.entity_id
_entity_poly.type
_entity_poly.pdbx_seq_one_letter_code
_entity_poly.pdbx_strand_id
1 'polypeptide(L)'
;IIGGEFTTIENQPWFAAIYRRHRGGSVTYVCGGSLISPCWVISATHCFIDYPKKEDYIVYLGRSRLNSNTQGEMKFEVEN
LILHKDYSADTLAHHNDIALLKIRSKEGRCAQPSRTIQTIALPSMYNDPQFGTSCEITGFGKEQSTDYLYPEQLKMTVVK
LISHRECQQPHYYGSEVTTKMLCAADPQWKTDSCQGDSGGPLVCSLQGRMTLTGIVSWGRGCALKDKPGVYTRVSHFLPW
IRSHTKEENGLAL
;
U
2 'polypeptide(L)' MGSADGACSWRGLENHRMCGAAG P
#
# COMPACT_ATOMS: atom_id res chain seq x y z
N ILE A 1 2.29 2.45 -10.60
CA ILE A 1 3.06 3.72 -10.46
C ILE A 1 3.12 4.42 -11.81
N ILE A 2 2.57 5.64 -11.86
CA ILE A 2 2.68 6.51 -13.04
C ILE A 2 4.05 7.21 -13.03
N GLY A 3 4.75 7.17 -14.15
CA GLY A 3 6.10 7.73 -14.21
C GLY A 3 7.03 6.99 -13.25
N GLY A 4 7.99 7.71 -12.69
CA GLY A 4 9.00 7.10 -11.84
C GLY A 4 9.93 6.20 -12.63
N GLU A 5 10.42 5.17 -11.96
CA GLU A 5 11.46 4.32 -12.51
C GLU A 5 11.23 2.85 -12.12
N PHE A 6 11.77 1.93 -12.90
CA PHE A 6 11.79 0.53 -12.51
C PHE A 6 12.83 0.30 -11.43
N THR A 7 12.58 -0.71 -10.61
CA THR A 7 13.43 -1.00 -9.47
C THR A 7 13.41 -2.51 -9.21
N THR A 8 14.13 -2.94 -8.17
CA THR A 8 14.09 -4.34 -7.72
C THR A 8 13.86 -4.37 -6.22
N ILE A 9 13.58 -5.56 -5.69
CA ILE A 9 13.17 -5.68 -4.29
C ILE A 9 14.24 -5.19 -3.28
N GLU A 10 15.53 -5.31 -3.63
CA GLU A 10 16.54 -4.86 -2.68
C GLU A 10 16.55 -3.34 -2.44
N ASN A 11 15.81 -2.59 -3.26
CA ASN A 11 15.51 -1.18 -2.99
C ASN A 11 14.21 -0.91 -2.19
N GLN A 12 13.42 -1.94 -1.90
CA GLN A 12 12.32 -1.85 -0.93
C GLN A 12 12.15 -3.23 -0.31
N PRO A 13 13.14 -3.68 0.48
CA PRO A 13 13.13 -5.11 0.84
C PRO A 13 11.99 -5.55 1.78
N TRP A 14 11.21 -4.58 2.27
CA TRP A 14 10.01 -4.85 3.07
C TRP A 14 8.74 -4.99 2.23
N PHE A 15 8.84 -4.72 0.93
CA PHE A 15 7.63 -4.71 0.12
C PHE A 15 7.05 -6.12 -0.01
N ALA A 16 5.75 -6.23 0.23
CA ALA A 16 5.04 -7.50 0.13
C ALA A 16 4.10 -7.47 -1.07
N ALA A 17 4.08 -8.57 -1.82
CA ALA A 17 3.21 -8.71 -2.97
C ALA A 17 2.09 -9.67 -2.59
N ILE A 18 0.84 -9.18 -2.66
CA ILE A 18 -0.31 -9.93 -2.18
C ILE A 18 -1.24 -10.38 -3.33
N TYR A 19 -1.45 -11.69 -3.43
CA TYR A 19 -2.30 -12.27 -4.47
C TYR A 19 -3.53 -12.98 -3.88
N ARG A 20 -4.57 -13.13 -4.70
CA ARG A 20 -5.71 -13.95 -4.32
C ARG A 20 -5.89 -15.13 -5.28
N ARG A 21 -6.06 -16.33 -4.74
CA ARG A 21 -6.40 -17.49 -5.55
C ARG A 21 -7.92 -17.53 -5.76
N HIS A 22 -8.34 -17.70 -7.01
CA HIS A 22 -9.75 -17.74 -7.34
C HIS A 22 -10.28 -19.17 -7.31
N ARG A 23 -11.57 -19.30 -7.02
CA ARG A 23 -12.29 -20.57 -7.14
C ARG A 23 -12.23 -21.03 -8.59
N GLY A 24 -11.33 -21.95 -8.88
CA GLY A 24 -11.00 -22.33 -10.25
C GLY A 24 -9.50 -22.41 -10.43
N GLY A 25 -8.75 -21.88 -9.46
CA GLY A 25 -7.31 -22.05 -9.40
C GLY A 25 -6.44 -20.89 -9.84
N SER A 26 -7.04 -19.92 -10.53
CA SER A 26 -6.30 -18.78 -11.08
C SER A 26 -5.91 -17.75 -10.00
N VAL A 27 -4.66 -17.32 -10.04
CA VAL A 27 -4.13 -16.37 -9.07
C VAL A 27 -3.95 -14.99 -9.71
N THR A 28 -4.53 -13.97 -9.08
CA THR A 28 -4.42 -12.59 -9.54
C THR A 28 -3.83 -11.71 -8.45
N TYR A 29 -3.14 -10.64 -8.87
CA TYR A 29 -2.56 -9.68 -7.93
C TYR A 29 -3.63 -8.80 -7.30
N VAL A 30 -3.47 -8.55 -6.00
CA VAL A 30 -4.43 -7.77 -5.24
C VAL A 30 -3.87 -6.37 -4.94
N CYS A 31 -2.83 -6.33 -4.11
CA CYS A 31 -2.31 -5.08 -3.56
C CYS A 31 -0.89 -5.33 -3.07
N GLY A 32 -0.20 -4.24 -2.76
CA GLY A 32 1.08 -4.33 -2.06
C GLY A 32 0.89 -4.30 -0.55
N GLY A 33 1.99 -4.42 0.17
CA GLY A 33 2.01 -4.34 1.63
C GLY A 33 3.42 -4.12 2.13
N SER A 34 3.57 -3.92 3.43
CA SER A 34 4.88 -3.71 4.03
C SER A 34 5.15 -4.61 5.23
N LEU A 35 6.27 -5.30 5.17
CA LEU A 35 6.72 -6.12 6.28
C LEU A 35 7.22 -5.21 7.39
N ILE A 36 6.54 -5.27 8.54
CA ILE A 36 6.84 -4.44 9.70
C ILE A 36 7.46 -5.24 10.85
N SER A 37 7.32 -6.56 10.77
CA SER A 37 7.94 -7.48 11.72
C SER A 37 7.97 -8.82 11.00
N PRO A 38 8.76 -9.80 11.50
CA PRO A 38 8.90 -11.06 10.79
C PRO A 38 7.59 -11.77 10.40
N CYS A 39 6.55 -11.68 11.23
CA CYS A 39 5.29 -12.39 10.95
C CYS A 39 4.15 -11.47 10.49
N TRP A 40 4.38 -10.16 10.43
CA TRP A 40 3.31 -9.21 10.16
C TRP A 40 3.55 -8.31 8.95
N VAL A 41 2.62 -8.39 8.00
CA VAL A 41 2.60 -7.51 6.84
C VAL A 41 1.45 -6.54 7.05
N ILE A 42 1.72 -5.25 6.80
CA ILE A 42 0.69 -4.23 6.92
C ILE A 42 0.25 -3.72 5.55
N SER A 43 -1.07 -3.57 5.37
CA SER A 43 -1.66 -3.20 4.07
C SER A 43 -2.94 -2.37 4.29
N ALA A 44 -3.82 -2.32 3.28
CA ALA A 44 -5.05 -1.54 3.35
C ALA A 44 -6.31 -2.42 3.38
N THR A 45 -7.23 -2.16 4.31
CA THR A 45 -8.48 -2.94 4.44
C THR A 45 -9.31 -3.06 3.14
N HIS A 46 -9.41 -1.98 2.36
CA HIS A 46 -10.18 -1.99 1.10
C HIS A 46 -9.69 -3.05 0.08
N CYS A 47 -8.44 -3.49 0.23
CA CYS A 47 -7.92 -4.54 -0.63
C CYS A 47 -8.59 -5.87 -0.34
N PHE A 48 -9.19 -5.99 0.85
CA PHE A 48 -9.68 -7.27 1.34
C PHE A 48 -11.16 -7.28 1.73
N ILE A 49 -11.75 -6.09 1.89
CA ILE A 49 -13.10 -5.95 2.44
C ILE A 49 -14.15 -6.85 1.75
N ASP A 50 -14.07 -6.97 0.43
CA ASP A 50 -15.05 -7.77 -0.32
C ASP A 50 -14.79 -9.27 -0.28
N TYR A 51 -13.55 -9.64 0.06
CA TYR A 51 -13.16 -11.05 0.13
C TYR A 51 -12.34 -11.30 1.39
N PRO A 52 -12.98 -11.24 2.56
CA PRO A 52 -12.29 -11.20 3.86
C PRO A 52 -11.75 -12.54 4.36
N LYS A 53 -11.84 -13.57 3.53
CA LYS A 53 -11.44 -14.93 3.89
C LYS A 53 -9.93 -15.14 3.70
N LYS A 54 -9.23 -15.41 4.80
CA LYS A 54 -7.77 -15.49 4.81
C LYS A 54 -7.17 -16.59 3.93
N GLU A 55 -7.95 -17.67 3.70
CA GLU A 55 -7.49 -18.80 2.88
C GLU A 55 -7.27 -18.46 1.41
N ASP A 56 -7.90 -17.38 0.94
CA ASP A 56 -7.82 -16.97 -0.47
C ASP A 56 -6.46 -16.37 -0.85
N TYR A 57 -5.68 -15.93 0.14
CA TYR A 57 -4.54 -15.08 -0.13
C TYR A 57 -3.18 -15.75 -0.05
N ILE A 58 -2.26 -15.26 -0.89
CA ILE A 58 -0.86 -15.67 -0.90
C ILE A 58 -0.02 -14.40 -0.85
N VAL A 59 0.98 -14.39 0.03
CA VAL A 59 1.90 -13.26 0.17
C VAL A 59 3.32 -13.67 -0.24
N TYR A 60 3.98 -12.82 -1.02
CA TYR A 60 5.38 -13.01 -1.33
C TYR A 60 6.20 -11.86 -0.78
N LEU A 61 7.37 -12.20 -0.24
CA LEU A 61 8.41 -11.25 0.09
C LEU A 61 9.61 -11.53 -0.82
N GLY A 62 10.47 -10.53 -0.99
CA GLY A 62 11.64 -10.65 -1.87
C GLY A 62 11.30 -10.88 -3.34
N ARG A 63 10.16 -10.37 -3.79
CA ARG A 63 9.73 -10.54 -5.17
C ARG A 63 9.87 -9.22 -5.93
N SER A 64 10.59 -9.25 -7.06
CA SER A 64 10.83 -8.08 -7.91
C SER A 64 9.94 -8.08 -9.13
N ARG A 65 9.39 -9.25 -9.47
CA ARG A 65 8.59 -9.42 -10.68
C ARG A 65 7.19 -9.98 -10.37
N LEU A 66 6.20 -9.50 -11.11
CA LEU A 66 4.79 -9.77 -10.82
C LEU A 66 4.38 -11.21 -11.09
N ASN A 67 4.83 -11.75 -12.22
CA ASN A 67 4.34 -13.03 -12.73
C ASN A 67 5.44 -14.08 -12.96
N SER A 68 6.62 -13.83 -12.40
CA SER A 68 7.70 -14.82 -12.41
C SER A 68 8.43 -14.76 -11.08
N ASN A 69 9.11 -15.85 -10.75
CA ASN A 69 9.83 -15.95 -9.50
C ASN A 69 11.09 -15.08 -9.48
N THR A 70 11.42 -14.59 -8.29
CA THR A 70 12.66 -13.90 -8.05
C THR A 70 13.44 -14.83 -7.14
N GLN A 71 14.71 -15.04 -7.48
CA GLN A 71 15.60 -15.87 -6.68
C GLN A 71 15.63 -15.33 -5.23
N GLY A 72 15.41 -16.23 -4.28
CA GLY A 72 15.44 -15.89 -2.87
C GLY A 72 14.12 -15.40 -2.29
N GLU A 73 13.05 -15.47 -3.08
CA GLU A 73 11.73 -15.03 -2.62
C GLU A 73 11.15 -16.02 -1.60
N MET A 74 10.19 -15.57 -0.81
CA MET A 74 9.49 -16.43 0.14
C MET A 74 7.99 -16.29 -0.02
N LYS A 75 7.31 -17.43 -0.06
CA LYS A 75 5.86 -17.49 -0.28
C LYS A 75 5.17 -17.82 1.05
N PHE A 76 4.05 -17.15 1.32
CA PHE A 76 3.38 -17.25 2.61
C PHE A 76 1.87 -17.41 2.47
N GLU A 77 1.30 -18.21 3.36
CA GLU A 77 -0.15 -18.27 3.53
C GLU A 77 -0.49 -17.19 4.54
N VAL A 78 -1.76 -16.80 4.59
CA VAL A 78 -2.21 -15.81 5.56
C VAL A 78 -2.85 -16.50 6.76
N GLU A 79 -2.11 -16.53 7.86
CA GLU A 79 -2.55 -17.18 9.07
C GLU A 79 -3.71 -16.42 9.71
N ASN A 80 -3.70 -15.09 9.55
CA ASN A 80 -4.76 -14.22 10.08
C ASN A 80 -4.91 -12.94 9.24
N LEU A 81 -6.14 -12.62 8.88
CA LEU A 81 -6.44 -11.39 8.13
C LEU A 81 -7.30 -10.44 8.97
N ILE A 82 -6.65 -9.41 9.48
CA ILE A 82 -7.27 -8.47 10.41
C ILE A 82 -7.55 -7.16 9.70
N LEU A 83 -8.84 -6.83 9.61
CA LEU A 83 -9.29 -5.60 8.97
C LEU A 83 -9.74 -4.62 10.05
N HIS A 84 -9.69 -3.33 9.76
CA HIS A 84 -10.02 -2.34 10.76
C HIS A 84 -11.54 -2.25 10.93
N LYS A 85 -11.99 -2.35 12.18
CA LYS A 85 -13.41 -2.36 12.53
C LYS A 85 -14.15 -1.11 12.05
N ASP A 86 -13.46 0.02 12.07
CA ASP A 86 -14.10 1.29 11.73
C ASP A 86 -13.88 1.74 10.29
N TYR A 87 -13.53 0.78 9.42
CA TYR A 87 -13.41 1.08 8.00
C TYR A 87 -14.75 1.57 7.46
N SER A 88 -14.68 2.53 6.54
CA SER A 88 -15.86 2.98 5.80
C SER A 88 -15.41 3.49 4.44
N ALA A 89 -16.08 3.04 3.38
CA ALA A 89 -15.70 3.40 2.02
C ALA A 89 -16.91 3.76 1.18
N ASP A 90 -17.92 4.30 1.85
CA ASP A 90 -18.93 5.07 1.15
C ASP A 90 -18.26 6.44 1.07
N THR A 91 -18.71 7.31 0.16
CA THR A 91 -17.94 8.49 -0.25
C THR A 91 -16.68 7.99 -0.97
N LEU A 92 -15.93 8.92 -1.59
CA LEU A 92 -14.68 8.58 -2.30
C LEU A 92 -13.60 8.09 -1.32
N ALA A 93 -13.47 8.81 -0.21
CA ALA A 93 -12.49 8.53 0.82
C ALA A 93 -12.76 7.23 1.56
N HIS A 94 -11.70 6.45 1.76
CA HIS A 94 -11.76 5.26 2.59
C HIS A 94 -11.20 5.65 3.95
N HIS A 95 -12.01 5.45 4.98
CA HIS A 95 -11.58 5.77 6.35
C HIS A 95 -11.03 4.54 7.01
N ASN A 96 -10.04 4.75 7.88
CA ASN A 96 -9.40 3.67 8.62
C ASN A 96 -8.94 2.54 7.69
N ASP A 97 -8.26 2.93 6.61
CA ASP A 97 -7.91 2.00 5.55
C ASP A 97 -6.57 1.35 5.84
N ILE A 98 -6.63 0.37 6.74
CA ILE A 98 -5.44 -0.26 7.28
C ILE A 98 -5.79 -1.71 7.66
N ALA A 99 -4.86 -2.62 7.40
CA ALA A 99 -5.09 -4.05 7.58
C ALA A 99 -3.79 -4.74 7.94
N LEU A 100 -3.90 -5.85 8.64
CA LEU A 100 -2.75 -6.66 9.01
C LEU A 100 -2.92 -8.10 8.54
N LEU A 101 -1.83 -8.65 8.00
CA LEU A 101 -1.81 -10.03 7.58
C LEU A 101 -0.69 -10.70 8.33
N LYS A 102 -1.04 -11.67 9.17
CA LYS A 102 -0.05 -12.53 9.81
C LYS A 102 0.40 -13.55 8.78
N ILE A 103 1.69 -13.63 8.55
CA ILE A 103 2.20 -14.52 7.51
C ILE A 103 2.79 -15.82 8.07
N ARG A 104 2.48 -16.92 7.41
CA ARG A 104 3.02 -18.23 7.76
C ARG A 104 3.26 -19.08 6.51
N SER A 105 4.50 -19.55 6.35
CA SER A 105 4.85 -20.48 5.26
C SER A 105 4.24 -21.86 5.52
N LYS A 106 4.21 -22.70 4.47
CA LYS A 106 3.75 -24.09 4.60
C LYS A 106 4.49 -24.86 5.69
N GLU A 107 5.73 -24.46 5.95
CA GLU A 107 6.61 -25.08 6.94
C GLU A 107 6.42 -24.46 8.34
N GLY A 108 5.47 -23.54 8.45
CA GLY A 108 5.13 -22.88 9.70
C GLY A 108 6.03 -21.72 10.09
N ARG A 109 6.80 -21.20 9.14
CA ARG A 109 7.74 -20.14 9.44
C ARG A 109 7.32 -18.74 8.97
N CYS A 110 7.80 -17.73 9.69
CA CYS A 110 7.62 -16.34 9.31
C CYS A 110 8.73 -15.92 8.36
N ALA A 111 8.88 -14.61 8.16
CA ALA A 111 9.95 -14.07 7.32
C ALA A 111 11.34 -14.25 7.94
N GLN A 112 12.26 -14.75 7.11
CA GLN A 112 13.67 -14.84 7.44
C GLN A 112 14.39 -13.68 6.74
N PRO A 113 14.97 -12.75 7.52
CA PRO A 113 15.64 -11.57 6.97
C PRO A 113 16.80 -11.94 6.04
N SER A 114 16.95 -11.20 4.94
CA SER A 114 18.00 -11.46 3.95
C SER A 114 18.30 -10.18 3.16
N ARG A 115 19.12 -10.31 2.12
CA ARG A 115 19.44 -9.17 1.26
C ARG A 115 18.20 -8.59 0.57
N THR A 116 17.20 -9.43 0.32
CA THR A 116 15.99 -9.03 -0.38
C THR A 116 14.74 -8.99 0.50
N ILE A 117 14.91 -9.27 1.80
CA ILE A 117 13.80 -9.26 2.76
C ILE A 117 14.27 -8.67 4.09
N GLN A 118 13.76 -7.47 4.40
CA GLN A 118 14.02 -6.79 5.65
C GLN A 118 12.73 -6.11 6.10
N THR A 119 12.66 -5.67 7.35
CA THR A 119 11.46 -4.97 7.86
C THR A 119 11.57 -3.44 7.73
N ILE A 120 10.44 -2.76 7.87
CA ILE A 120 10.43 -1.30 7.90
C ILE A 120 9.92 -0.80 9.26
N ALA A 121 10.61 0.15 9.80
CA ALA A 121 10.23 0.84 10.99
C ALA A 121 8.89 1.67 10.93
N LEU A 122 8.10 1.58 11.97
CA LEU A 122 6.89 2.38 12.11
C LEU A 122 7.32 3.75 12.63
N PRO A 123 6.54 4.81 12.34
CA PRO A 123 6.90 6.12 12.90
C PRO A 123 6.53 6.18 14.37
N SER A 124 7.16 7.09 15.12
CA SER A 124 6.66 7.40 16.46
C SER A 124 5.34 8.14 16.31
N MET A 125 4.50 8.05 17.34
CA MET A 125 3.13 8.52 17.28
C MET A 125 3.02 9.98 16.90
N TYR A 126 2.07 10.29 16.02
CA TYR A 126 1.77 11.66 15.62
C TYR A 126 3.03 12.42 15.17
N ASN A 127 4.02 11.68 14.68
CA ASN A 127 5.27 12.26 14.21
C ASN A 127 5.44 12.04 12.72
N ASP A 128 5.12 13.07 11.95
CA ASP A 128 5.20 13.05 10.50
C ASP A 128 6.11 14.17 9.99
N PRO A 129 6.80 13.93 8.87
CA PRO A 129 7.62 14.99 8.27
C PRO A 129 6.75 16.14 7.78
N GLN A 130 7.32 17.34 7.72
CA GLN A 130 6.61 18.54 7.28
C GLN A 130 6.20 18.47 5.81
N PHE A 131 5.19 19.26 5.43
CA PHE A 131 4.73 19.27 4.04
C PHE A 131 5.87 19.69 3.12
N GLY A 132 5.84 19.21 1.88
CA GLY A 132 6.89 19.47 0.93
C GLY A 132 8.07 18.53 1.04
N THR A 133 8.08 17.68 2.08
CA THR A 133 9.05 16.59 2.18
C THR A 133 8.86 15.57 1.04
N SER A 134 9.96 15.12 0.46
CA SER A 134 9.94 14.10 -0.59
C SER A 134 9.90 12.71 0.02
N CYS A 135 8.90 11.93 -0.37
CA CYS A 135 8.80 10.53 0.05
C CYS A 135 8.70 9.64 -1.18
N GLU A 136 8.99 8.36 -0.99
CA GLU A 136 8.93 7.41 -2.09
C GLU A 136 7.75 6.45 -1.92
N ILE A 137 7.21 6.01 -3.05
CA ILE A 137 6.16 4.99 -3.10
C ILE A 137 6.58 3.85 -4.02
N THR A 138 6.13 2.63 -3.70
CA THR A 138 6.54 1.43 -4.42
C THR A 138 5.31 0.58 -4.76
N GLY A 139 5.34 -0.07 -5.93
CA GLY A 139 4.26 -0.99 -6.30
C GLY A 139 4.30 -1.56 -7.70
N PHE A 140 3.42 -2.54 -7.91
CA PHE A 140 3.22 -3.21 -9.21
C PHE A 140 1.98 -2.65 -9.92
N GLY A 141 1.57 -1.43 -9.55
CA GLY A 141 0.33 -0.85 -10.06
C GLY A 141 0.47 -0.27 -11.44
N LYS A 142 -0.65 0.18 -12.00
CA LYS A 142 -0.66 0.67 -13.38
C LYS A 142 0.34 1.80 -13.64
N GLU A 143 0.89 1.81 -14.85
CA GLU A 143 1.84 2.83 -15.32
C GLU A 143 1.10 3.95 -16.04
N GLN A 144 -0.12 3.68 -16.42
CA GLN A 144 -1.05 4.62 -17.02
C GLN A 144 -2.41 4.34 -16.50
N SER A 145 -3.17 5.38 -16.24
CA SER A 145 -4.58 5.20 -15.82
C SER A 145 -5.40 4.35 -16.79
N THR A 146 -5.08 4.43 -18.07
CA THR A 146 -5.84 3.70 -19.10
C THR A 146 -5.32 2.28 -19.37
N ASP A 147 -4.18 1.91 -18.77
CA ASP A 147 -3.62 0.58 -18.97
C ASP A 147 -4.60 -0.50 -18.56
N TYR A 148 -4.46 -1.67 -19.19
CA TYR A 148 -5.22 -2.85 -18.84
C TYR A 148 -4.33 -3.76 -18.01
N LEU A 149 -3.04 -3.73 -18.31
CA LEU A 149 -2.07 -4.59 -17.63
C LEU A 149 -1.33 -3.87 -16.52
N TYR A 150 -0.90 -4.65 -15.53
CA TYR A 150 0.09 -4.21 -14.55
C TYR A 150 1.49 -4.44 -15.14
N PRO A 151 2.47 -3.61 -14.73
CA PRO A 151 3.85 -3.88 -15.13
C PRO A 151 4.32 -5.22 -14.58
N GLU A 152 5.26 -5.84 -15.29
CA GLU A 152 5.89 -7.07 -14.82
C GLU A 152 6.99 -6.79 -13.80
N GLN A 153 7.54 -5.58 -13.85
CA GLN A 153 8.67 -5.20 -12.99
C GLN A 153 8.22 -4.18 -11.94
N LEU A 154 8.74 -4.31 -10.72
CA LEU A 154 8.43 -3.42 -9.63
C LEU A 154 8.85 -2.00 -10.00
N LYS A 155 8.07 -1.02 -9.54
CA LYS A 155 8.35 0.38 -9.81
C LYS A 155 8.35 1.20 -8.54
N MET A 156 9.01 2.35 -8.61
CA MET A 156 9.16 3.29 -7.51
C MET A 156 9.08 4.70 -8.07
N THR A 157 8.54 5.62 -7.27
CA THR A 157 8.63 7.06 -7.57
C THR A 157 8.71 7.93 -6.31
N VAL A 158 8.88 9.23 -6.52
CA VAL A 158 8.94 10.22 -5.44
C VAL A 158 7.74 11.16 -5.57
N VAL A 159 7.09 11.43 -4.45
CA VAL A 159 6.02 12.43 -4.37
C VAL A 159 6.24 13.24 -3.10
N LYS A 160 5.66 14.44 -3.07
CA LYS A 160 5.84 15.37 -1.96
C LYS A 160 4.58 15.46 -1.10
N LEU A 161 4.80 15.45 0.22
CA LEU A 161 3.72 15.56 1.19
C LEU A 161 3.01 16.91 1.08
N ILE A 162 1.68 16.87 1.16
CA ILE A 162 0.83 18.04 1.02
C ILE A 162 0.13 18.27 2.36
N SER A 163 0.05 19.53 2.80
CA SER A 163 -0.58 19.86 4.08
C SER A 163 -2.07 19.51 4.06
N HIS A 164 -2.64 19.23 5.23
CA HIS A 164 -4.07 18.98 5.33
C HIS A 164 -4.86 20.19 4.85
N ARG A 165 -4.36 21.40 5.17
CA ARG A 165 -4.96 22.66 4.72
C ARG A 165 -5.10 22.69 3.21
N GLU A 166 -4.02 22.37 2.50
CA GLU A 166 -4.06 22.37 1.04
C GLU A 166 -4.98 21.28 0.49
N CYS A 167 -4.98 20.11 1.12
CA CYS A 167 -5.72 18.98 0.59
C CYS A 167 -7.22 19.08 0.84
N GLN A 168 -7.60 19.75 1.91
CA GLN A 168 -9.01 19.94 2.27
C GLN A 168 -9.71 20.99 1.39
N GLN A 169 -8.95 21.73 0.58
CA GLN A 169 -9.54 22.72 -0.32
C GLN A 169 -10.59 22.06 -1.21
N PRO A 170 -11.67 22.79 -1.51
CA PRO A 170 -12.71 22.27 -2.40
C PRO A 170 -12.16 21.80 -3.76
N HIS A 171 -11.26 22.59 -4.35
CA HIS A 171 -10.70 22.24 -5.66
C HIS A 171 -9.71 21.07 -5.58
N TYR A 172 -9.43 20.61 -4.35
CA TYR A 172 -8.70 19.37 -4.14
C TYR A 172 -9.70 18.29 -3.70
N TYR A 173 -9.71 17.94 -2.42
CA TYR A 173 -10.58 16.86 -1.95
C TYR A 173 -11.71 17.27 -1.01
N GLY A 174 -11.77 18.55 -0.65
CA GLY A 174 -12.77 19.02 0.30
C GLY A 174 -12.71 18.25 1.62
N SER A 175 -13.89 17.87 2.12
CA SER A 175 -14.04 17.20 3.42
C SER A 175 -13.70 15.71 3.41
N GLU A 176 -13.39 15.17 2.23
CA GLU A 176 -13.10 13.75 2.08
C GLU A 176 -11.81 13.31 2.77
N VAL A 177 -10.83 14.22 2.83
CA VAL A 177 -9.59 13.93 3.52
C VAL A 177 -9.69 14.32 5.00
N THR A 178 -9.29 13.42 5.89
CA THR A 178 -9.30 13.68 7.33
C THR A 178 -7.87 13.81 7.83
N THR A 179 -7.71 14.13 9.11
CA THR A 179 -6.38 14.25 9.72
C THR A 179 -5.70 12.90 9.94
N LYS A 180 -6.44 11.81 9.77
CA LYS A 180 -5.89 10.45 9.79
C LYS A 180 -5.45 9.97 8.39
N MET A 181 -5.38 10.90 7.45
CA MET A 181 -4.95 10.65 6.09
C MET A 181 -3.84 11.62 5.71
N LEU A 182 -2.97 11.20 4.78
CA LEU A 182 -1.93 12.08 4.23
C LEU A 182 -2.06 12.18 2.73
N CYS A 183 -2.08 13.41 2.22
CA CYS A 183 -2.01 13.65 0.78
C CYS A 183 -0.56 13.82 0.33
N ALA A 184 -0.25 13.34 -0.88
CA ALA A 184 1.09 13.46 -1.44
C ALA A 184 1.01 13.42 -2.95
N ALA A 185 1.81 14.26 -3.60
CA ALA A 185 1.77 14.42 -5.05
C ALA A 185 3.04 15.04 -5.60
N ASP A 186 3.13 14.98 -6.92
CA ASP A 186 4.16 15.66 -7.70
C ASP A 186 3.70 17.10 -8.02
N PRO A 187 4.61 18.09 -7.86
CA PRO A 187 4.31 19.49 -8.22
C PRO A 187 3.74 19.65 -9.63
N GLN A 188 4.19 18.82 -10.57
CA GLN A 188 3.71 18.85 -11.96
C GLN A 188 2.62 17.80 -12.23
N TRP A 189 2.23 17.05 -11.20
CA TRP A 189 1.24 15.97 -11.31
C TRP A 189 1.63 14.90 -12.33
N LYS A 190 2.92 14.78 -12.62
CA LYS A 190 3.35 13.86 -13.69
C LYS A 190 3.67 12.44 -13.21
N THR A 191 3.72 12.27 -11.88
CA THR A 191 4.04 10.99 -11.27
C THR A 191 3.15 10.75 -10.03
N ASP A 192 2.80 9.49 -9.79
CA ASP A 192 1.83 9.16 -8.75
C ASP A 192 1.73 7.65 -8.57
N SER A 193 1.13 7.23 -7.46
CA SER A 193 0.66 5.87 -7.34
C SER A 193 -0.63 5.75 -8.15
N CYS A 194 -1.04 4.50 -8.41
CA CYS A 194 -2.24 4.24 -9.21
C CYS A 194 -2.81 2.88 -8.84
N GLN A 195 -3.86 2.49 -9.55
CA GLN A 195 -4.56 1.24 -9.31
C GLN A 195 -3.59 0.07 -9.30
N GLY A 196 -3.63 -0.72 -8.23
CA GLY A 196 -2.69 -1.82 -8.01
C GLY A 196 -1.61 -1.51 -6.98
N ASP A 197 -1.32 -0.22 -6.79
CA ASP A 197 -0.37 0.23 -5.77
C ASP A 197 -0.91 0.26 -4.33
N SER A 198 -2.24 0.18 -4.19
CA SER A 198 -2.90 0.26 -2.87
C SER A 198 -2.32 -0.72 -1.88
N GLY A 199 -2.25 -0.31 -0.62
CA GLY A 199 -1.66 -1.14 0.42
C GLY A 199 -0.15 -1.01 0.53
N GLY A 200 0.48 -0.45 -0.52
CA GLY A 200 1.94 -0.34 -0.58
C GLY A 200 2.49 0.77 0.30
N PRO A 201 3.83 0.82 0.47
CA PRO A 201 4.49 1.81 1.34
C PRO A 201 4.65 3.24 0.79
N LEU A 202 4.33 4.22 1.62
CA LEU A 202 4.84 5.58 1.45
C LEU A 202 5.92 5.73 2.49
N VAL A 203 7.16 5.87 2.03
CA VAL A 203 8.33 5.83 2.92
C VAL A 203 9.01 7.19 2.96
N CYS A 204 9.20 7.70 4.17
CA CYS A 204 9.91 8.96 4.33
C CYS A 204 11.11 8.79 5.26
N SER A 205 12.11 9.64 5.06
CA SER A 205 13.27 9.68 5.93
C SER A 205 12.93 10.61 7.08
N LEU A 206 12.72 10.02 8.25
CA LEU A 206 12.30 10.77 9.43
C LEU A 206 13.38 10.64 10.52
N GLN A 207 14.18 11.70 10.63
CA GLN A 207 15.38 11.77 11.50
C GLN A 207 16.50 10.82 11.07
N GLY A 208 16.74 10.76 9.76
CA GLY A 208 17.77 9.88 9.19
C GLY A 208 17.45 8.41 9.38
N ARG A 209 16.16 8.11 9.40
CA ARG A 209 15.66 6.75 9.56
C ARG A 209 14.56 6.52 8.52
N MET A 210 14.58 5.37 7.85
CA MET A 210 13.50 5.01 6.93
C MET A 210 12.24 4.60 7.71
N THR A 211 11.12 5.24 7.37
CA THR A 211 9.89 5.13 8.15
C THR A 211 8.69 4.83 7.26
N LEU A 212 7.82 3.91 7.69
CA LEU A 212 6.56 3.69 7.00
C LEU A 212 5.56 4.77 7.40
N THR A 213 5.63 5.90 6.69
CA THR A 213 4.79 7.05 6.95
C THR A 213 3.35 6.83 6.50
N GLY A 214 3.18 6.12 5.39
CA GLY A 214 1.86 5.97 4.81
C GLY A 214 1.65 4.64 4.11
N ILE A 215 0.37 4.35 3.86
CA ILE A 215 -0.07 3.18 3.10
C ILE A 215 -1.01 3.69 2.00
N VAL A 216 -0.66 3.38 0.73
CA VAL A 216 -1.46 3.81 -0.43
C VAL A 216 -2.92 3.40 -0.22
N SER A 217 -3.83 4.36 -0.29
CA SER A 217 -5.22 4.13 0.09
C SER A 217 -6.25 4.44 -1.01
N TRP A 218 -6.28 5.68 -1.47
CA TRP A 218 -7.26 6.07 -2.48
C TRP A 218 -6.82 7.31 -3.24
N GLY A 219 -7.58 7.66 -4.27
CA GLY A 219 -7.34 8.87 -5.05
C GLY A 219 -8.36 8.98 -6.17
N ARG A 220 -8.63 10.14 -6.68
CA ARG A 220 -9.38 10.29 -7.89
C ARG A 220 -8.50 10.24 -9.16
N GLY A 221 -8.60 9.19 -9.97
CA GLY A 221 -7.72 8.92 -11.09
C GLY A 221 -6.29 8.80 -10.64
N CYS A 222 -5.29 9.07 -11.48
CA CYS A 222 -3.92 8.98 -11.02
C CYS A 222 -3.16 10.06 -11.75
N ALA A 223 -2.27 10.74 -11.02
CA ALA A 223 -1.49 11.81 -11.62
C ALA A 223 -2.40 12.82 -12.38
N LEU A 224 -3.53 13.15 -11.76
CA LEU A 224 -4.44 14.19 -12.25
C LEU A 224 -4.21 15.47 -11.47
N LYS A 225 -4.26 16.61 -12.15
CA LYS A 225 -4.08 17.91 -11.49
C LYS A 225 -5.09 18.12 -10.36
N ASP A 226 -4.58 18.56 -9.21
CA ASP A 226 -5.40 18.88 -8.03
C ASP A 226 -5.97 17.66 -7.35
N LYS A 227 -5.49 16.47 -7.72
CA LYS A 227 -6.00 15.22 -7.17
C LYS A 227 -4.84 14.35 -6.66
N PRO A 228 -4.34 14.67 -5.45
CA PRO A 228 -3.21 13.93 -4.90
C PRO A 228 -3.55 12.48 -4.57
N GLY A 229 -2.51 11.68 -4.35
CA GLY A 229 -2.69 10.37 -3.78
C GLY A 229 -3.01 10.54 -2.31
N VAL A 230 -3.87 9.69 -1.78
CA VAL A 230 -4.23 9.72 -0.37
C VAL A 230 -3.76 8.43 0.29
N TYR A 231 -3.13 8.61 1.45
CA TYR A 231 -2.40 7.56 2.14
C TYR A 231 -2.88 7.54 3.59
N THR A 232 -2.97 6.35 4.15
CA THR A 232 -3.33 6.21 5.55
C THR A 232 -2.16 6.69 6.40
N ARG A 233 -2.48 7.56 7.36
CA ARG A 233 -1.45 8.18 8.22
C ARG A 233 -1.10 7.22 9.34
N VAL A 234 -0.05 6.42 9.11
CA VAL A 234 0.36 5.33 10.02
C VAL A 234 0.63 5.76 11.47
N SER A 235 1.19 6.96 11.67
CA SER A 235 1.52 7.46 13.03
C SER A 235 0.29 7.72 13.92
N HIS A 236 -0.89 7.66 13.30
CA HIS A 236 -2.17 7.82 13.96
C HIS A 236 -2.85 6.48 14.24
N PHE A 237 -2.14 5.37 14.01
CA PHE A 237 -2.74 4.05 14.17
C PHE A 237 -1.88 3.09 14.97
N LEU A 238 -0.91 3.64 15.69
CA LEU A 238 0.03 2.81 16.46
C LEU A 238 -0.60 1.93 17.56
N PRO A 239 -1.55 2.47 18.34
CA PRO A 239 -2.23 1.60 19.32
C PRO A 239 -2.97 0.42 18.67
N TRP A 240 -3.68 0.70 17.57
CA TRP A 240 -4.32 -0.33 16.76
C TRP A 240 -3.29 -1.36 16.26
N ILE A 241 -2.15 -0.89 15.75
CA ILE A 241 -1.11 -1.81 15.28
C ILE A 241 -0.53 -2.64 16.43
N ARG A 242 -0.28 -1.99 17.57
CA ARG A 242 0.27 -2.67 18.76
C ARG A 242 -0.59 -3.82 19.25
N SER A 243 -1.89 -3.57 19.43
CA SER A 243 -2.76 -4.59 19.99
C SER A 243 -2.97 -5.75 19.03
N HIS A 244 -3.19 -5.44 17.75
CA HIS A 244 -3.52 -6.47 16.77
C HIS A 244 -2.33 -7.34 16.35
N THR A 245 -1.12 -6.87 16.59
CA THR A 245 0.09 -7.67 16.25
C THR A 245 0.44 -8.69 17.34
N LYS A 246 -0.45 -8.82 18.32
CA LYS A 246 -0.38 -9.89 19.32
C LYS A 246 -1.42 -10.99 19.01
N GLU A 247 -2.10 -10.86 17.88
CA GLU A 247 -3.17 -11.78 17.49
C GLU A 247 -2.68 -12.86 16.53
N ASP B 5 -10.46 6.84 -15.63
CA ASP B 5 -11.63 7.11 -14.73
C ASP B 5 -12.75 6.07 -14.86
N GLY B 6 -13.77 6.21 -14.02
CA GLY B 6 -14.63 5.09 -13.64
C GLY B 6 -13.97 4.56 -12.39
N ALA B 7 -14.72 4.56 -11.29
CA ALA B 7 -14.16 4.27 -9.96
C ALA B 7 -13.40 2.94 -9.85
N CYS B 8 -13.77 1.96 -10.68
CA CYS B 8 -13.12 0.65 -10.68
C CYS B 8 -11.67 0.67 -11.21
N SER B 9 -11.24 1.82 -11.72
CA SER B 9 -9.86 2.02 -12.18
C SER B 9 -9.01 2.83 -11.17
N TRP B 10 -9.58 3.09 -10.00
CA TRP B 10 -8.92 3.94 -9.00
C TRP B 10 -8.34 3.14 -7.84
N ARG B 11 -7.34 3.70 -7.15
CA ARG B 11 -6.97 3.19 -5.84
C ARG B 11 -8.19 3.30 -4.94
N GLY B 12 -8.45 2.23 -4.18
CA GLY B 12 -9.65 2.14 -3.38
C GLY B 12 -10.58 1.03 -3.80
N LEU B 13 -10.53 0.64 -5.07
CA LEU B 13 -11.51 -0.34 -5.61
C LEU B 13 -10.90 -1.65 -6.09
N GLU B 14 -9.63 -1.88 -5.78
CA GLU B 14 -8.97 -3.15 -6.05
C GLU B 14 -9.73 -4.30 -5.41
N ASN B 15 -9.81 -5.44 -6.11
CA ASN B 15 -10.37 -6.67 -5.54
C ASN B 15 -11.80 -6.48 -5.00
N HIS B 16 -12.64 -5.79 -5.77
CA HIS B 16 -14.01 -5.49 -5.36
C HIS B 16 -15.05 -6.20 -6.21
N ARG B 17 -16.09 -6.73 -5.54
CA ARG B 17 -17.16 -7.49 -6.18
C ARG B 17 -17.74 -6.78 -7.40
N MET B 18 -18.11 -5.51 -7.23
CA MET B 18 -18.70 -4.75 -8.34
C MET B 18 -17.69 -4.27 -9.41
N CYS B 19 -16.43 -4.73 -9.31
CA CYS B 19 -15.42 -4.44 -10.34
C CYS B 19 -14.96 -5.72 -11.06
#